data_5WVB
#
_entry.id   5WVB
#
_cell.length_a   72.165
_cell.length_b   72.165
_cell.length_c   193.031
_cell.angle_alpha   90.00
_cell.angle_beta   90.00
_cell.angle_gamma   90.00
#
_symmetry.space_group_name_H-M   'P 41 21 2'
#
loop_
_entity.id
_entity.type
_entity.pdbx_description
1 polymer Chitinase
2 branched 2-acetamido-2-deoxy-beta-D-glucopyranose-(1-4)-2-acetamido-2-deoxy-beta-D-glucopyranose-(1-4)-2-acetamido-2-deoxy-beta-D-glucopyranose-(1-4)-2-acetamido-2-deoxy-beta-D-glucopyranose-(1-4)-2-acetamido-2-deoxy-beta-D-glucopyranose-(1-4)-2-acetamido-2-deoxy-beta-D-glucopyranose
3 water water
#
_entity_poly.entity_id   1
_entity_poly.type   'polypeptide(L)'
_entity_poly.pdbx_seq_one_letter_code
;MWPPRLLSCIFTIILIVAVIAPTSDSTTVRRRLRKPSKSVSVTSSVSRSTDQVISASVNRPKIRGRPSVASRKSSAALDN
SVGTDDHKDKDGYKIVCYYTNWSQYRTKIGKFMPEDIQPELCTHIIFAFGWLKKGKLSSFESNDETKDGKTGLYDRINAL
KKANPKLKTLLAIGGWSFGTQKFKEMSATRYARQTFIYSAIPYLRDRNFDGLDIDWLYPKGGDDKKNYVLLLKELREAFE
AEAQEVKKPRLLLTAAVPVGPDNIKSGYDVPAVASYLDFINLMAYDFHGKWERETGHNAPLYAPSSDSEWRKQLSVDHAA
HLWVKLGAPKEKLIIGMPTYGRTFTLSNPNNFKVNSPASGGGKAGEYTKESGFLAYYEVCEILRNGGAYVWDDEMKVPYA
IHGDQWVGFDDEKSIRNKMRWIKDNSFGGAMVWTVDMDDFSGGVCGGNVKYPLIGAMREELRGISRGKDAKDVDWASVAA
SV
;
_entity_poly.pdbx_strand_id   A
#
loop_
_chem_comp.id
_chem_comp.type
_chem_comp.name
_chem_comp.formula
NAG D-saccharide, beta linking 2-acetamido-2-deoxy-beta-D-glucopyranose 'C8 H15 N O6'
#
# COMPACT_ATOMS: atom_id res chain seq x y z
N ASP A 91 5.04 -9.86 -18.51
CA ASP A 91 5.70 -8.75 -17.85
C ASP A 91 6.83 -9.23 -16.94
N GLY A 92 6.46 -10.05 -15.94
CA GLY A 92 7.39 -10.45 -14.91
C GLY A 92 6.75 -10.21 -13.55
N TYR A 93 7.52 -9.74 -12.58
CA TYR A 93 6.93 -9.32 -11.31
C TYR A 93 6.56 -7.83 -11.34
N LYS A 94 5.49 -7.50 -10.63
CA LYS A 94 5.03 -6.13 -10.57
C LYS A 94 5.55 -5.40 -9.34
N ILE A 95 5.93 -4.14 -9.53
CA ILE A 95 6.14 -3.23 -8.43
C ILE A 95 5.08 -2.14 -8.52
N VAL A 96 4.00 -2.30 -7.75
CA VAL A 96 2.93 -1.33 -7.76
C VAL A 96 3.07 -0.36 -6.60
N CYS A 97 3.33 0.90 -6.93
CA CYS A 97 3.52 1.91 -5.90
C CYS A 97 2.31 2.83 -5.78
N TYR A 98 1.83 3.00 -4.55
CA TYR A 98 0.80 3.98 -4.23
C TYR A 98 1.40 5.35 -3.94
N TYR A 99 0.94 6.37 -4.66
CA TYR A 99 1.31 7.74 -4.38
C TYR A 99 0.15 8.49 -3.74
N THR A 100 0.45 9.27 -2.71
CA THR A 100 -0.60 9.98 -1.97
C THR A 100 -0.52 11.48 -2.18
N ASN A 101 -1.62 12.06 -2.65
CA ASN A 101 -1.63 13.48 -2.98
C ASN A 101 -1.57 14.39 -1.76
N TRP A 102 -1.66 13.84 -0.56
CA TRP A 102 -1.58 14.67 0.63
C TRP A 102 -0.14 14.78 1.16
N SER A 103 0.80 14.08 0.52
CA SER A 103 2.19 14.20 0.93
C SER A 103 2.77 15.55 0.47
N GLN A 104 2.05 16.22 -0.42
CA GLN A 104 2.42 17.56 -0.88
C GLN A 104 2.41 18.56 0.28
N TYR A 105 1.63 18.26 1.31
CA TYR A 105 1.42 19.19 2.42
C TYR A 105 2.43 18.99 3.55
N ARG A 106 3.29 18.02 3.40
CA ARG A 106 4.27 17.75 4.40
C ARG A 106 5.36 18.78 4.37
N THR A 107 6.11 18.86 5.45
CA THR A 107 7.00 19.96 5.68
C THR A 107 8.41 19.51 5.80
N LYS A 108 9.34 20.19 5.15
CA LYS A 108 10.74 19.82 5.22
C LYS A 108 10.86 18.40 4.73
N ILE A 109 11.70 17.57 5.32
CA ILE A 109 12.29 16.41 4.69
C ILE A 109 11.26 15.45 4.12
N GLY A 110 10.03 15.68 4.48
CA GLY A 110 8.90 14.83 4.14
C GLY A 110 8.06 15.36 3.01
N LYS A 111 8.30 16.60 2.59
CA LYS A 111 7.53 17.18 1.49
C LYS A 111 7.85 16.42 0.21
N PHE A 112 6.80 15.89 -0.41
CA PHE A 112 6.94 15.02 -1.57
C PHE A 112 6.09 15.52 -2.73
N MET A 113 6.73 15.68 -3.89
CA MET A 113 6.03 16.03 -5.11
C MET A 113 6.23 14.92 -6.14
N PRO A 114 5.31 14.78 -7.11
CA PRO A 114 5.39 13.68 -8.07
C PRO A 114 6.77 13.54 -8.72
N GLU A 115 7.40 14.66 -9.01
CA GLU A 115 8.75 14.68 -9.60
C GLU A 115 9.76 13.92 -8.76
N ASP A 116 9.46 13.73 -7.48
CA ASP A 116 10.33 12.97 -6.59
C ASP A 116 10.30 11.47 -6.88
N ILE A 117 9.45 11.04 -7.81
CA ILE A 117 9.42 9.64 -8.22
C ILE A 117 10.31 9.39 -9.42
N GLN A 118 11.25 8.46 -9.29
CA GLN A 118 12.01 8.00 -10.45
C GLN A 118 11.07 7.26 -11.38
N PRO A 119 11.10 7.59 -12.68
CA PRO A 119 10.14 7.01 -13.63
C PRO A 119 10.26 5.50 -13.82
N GLU A 120 11.42 4.91 -13.53
CA GLU A 120 11.58 3.48 -13.74
C GLU A 120 11.64 2.71 -12.44
N LEU A 121 11.23 3.37 -11.36
CA LEU A 121 11.19 2.72 -10.05
C LEU A 121 10.09 1.66 -10.01
N CYS A 122 8.89 2.04 -10.44
CA CYS A 122 7.74 1.15 -10.35
C CYS A 122 7.22 0.74 -11.73
N THR A 123 6.46 -0.35 -11.76
CA THR A 123 5.81 -0.82 -12.99
C THR A 123 4.44 -0.22 -13.10
N HIS A 124 3.84 0.04 -11.94
CA HIS A 124 2.55 0.69 -11.85
C HIS A 124 2.58 1.74 -10.75
N ILE A 125 1.92 2.86 -11.01
CA ILE A 125 1.71 3.88 -10.00
C ILE A 125 0.23 4.06 -9.79
N ILE A 126 -0.22 3.97 -8.55
CA ILE A 126 -1.62 4.19 -8.26
C ILE A 126 -1.79 5.51 -7.51
N PHE A 127 -2.62 6.38 -8.06
CA PHE A 127 -2.83 7.72 -7.50
C PHE A 127 -3.93 7.69 -6.42
N ALA A 128 -3.54 7.98 -5.19
CA ALA A 128 -4.50 7.99 -4.08
C ALA A 128 -4.79 9.40 -3.59
N PHE A 129 -6.05 9.85 -3.66
CA PHE A 129 -7.17 9.11 -4.24
C PHE A 129 -7.98 10.00 -5.17
N GLY A 130 -8.88 9.38 -5.93
CA GLY A 130 -9.96 10.12 -6.57
C GLY A 130 -11.09 10.14 -5.56
N TRP A 131 -12.20 10.79 -5.90
CA TRP A 131 -13.31 10.83 -4.98
C TRP A 131 -14.60 10.47 -5.68
N LEU A 132 -15.67 10.44 -4.91
CA LEU A 132 -16.99 10.23 -5.45
C LEU A 132 -17.82 11.47 -5.15
N LYS A 133 -18.59 11.91 -6.14
CA LYS A 133 -19.53 13.00 -5.92
C LYS A 133 -20.69 12.87 -6.88
N LYS A 134 -21.90 12.87 -6.32
CA LYS A 134 -23.12 12.63 -7.08
C LYS A 134 -23.11 11.24 -7.69
N GLY A 135 -22.37 10.33 -7.07
CA GLY A 135 -22.25 8.97 -7.57
C GLY A 135 -21.33 8.85 -8.77
N LYS A 136 -20.57 9.90 -9.05
CA LYS A 136 -19.67 9.91 -10.18
C LYS A 136 -18.22 10.10 -9.77
N LEU A 137 -17.31 9.54 -10.55
CA LEU A 137 -15.90 9.69 -10.31
C LEU A 137 -15.53 11.17 -10.45
N SER A 138 -15.00 11.74 -9.38
CA SER A 138 -14.62 13.13 -9.38
C SER A 138 -13.26 13.34 -8.74
N SER A 139 -12.82 14.59 -8.76
CA SER A 139 -11.51 14.97 -8.25
C SER A 139 -11.55 15.18 -6.74
N PHE A 140 -10.49 14.78 -6.04
CA PHE A 140 -10.43 14.96 -4.60
C PHE A 140 -10.46 16.44 -4.24
N GLU A 141 -9.59 17.22 -4.88
CA GLU A 141 -9.64 18.68 -4.80
C GLU A 141 -8.83 19.25 -5.98
N SER A 142 -9.05 20.53 -6.28
CA SER A 142 -8.55 21.17 -7.50
C SER A 142 -7.07 20.94 -7.80
N ASN A 143 -6.27 20.77 -6.74
CA ASN A 143 -4.82 20.56 -6.88
C ASN A 143 -4.46 19.43 -7.83
N ASP A 144 -5.33 18.42 -7.92
CA ASP A 144 -5.06 17.27 -8.77
C ASP A 144 -5.37 17.58 -10.22
N GLU A 145 -6.33 18.46 -10.45
CA GLU A 145 -6.71 18.86 -11.78
C GLU A 145 -5.92 20.03 -12.28
N THR A 146 -5.78 20.15 -13.59
CA THR A 146 -5.09 21.28 -14.17
C THR A 146 -6.13 22.21 -14.72
N LYS A 147 -6.15 23.46 -14.28
CA LYS A 147 -7.16 24.38 -14.79
C LYS A 147 -6.69 25.70 -15.36
N ASP A 148 -5.80 26.35 -14.64
CA ASP A 148 -5.51 27.73 -14.90
C ASP A 148 -4.26 27.88 -15.71
N GLY A 149 -3.91 26.81 -16.38
CA GLY A 149 -2.67 26.77 -17.11
C GLY A 149 -1.56 26.35 -16.19
N LYS A 150 -1.91 25.94 -14.97
CA LYS A 150 -0.96 25.42 -14.00
C LYS A 150 -1.28 23.93 -13.86
N THR A 151 -0.31 23.07 -14.14
CA THR A 151 -0.51 21.65 -14.15
C THR A 151 -0.85 21.15 -12.77
N GLY A 152 -1.76 20.20 -12.72
CA GLY A 152 -2.21 19.63 -11.48
C GLY A 152 -1.44 18.40 -11.14
N LEU A 153 -1.75 17.74 -10.04
CA LEU A 153 -1.00 16.54 -9.69
C LEU A 153 -1.21 15.35 -10.62
N TYR A 154 -2.40 15.22 -11.21
CA TYR A 154 -2.68 14.14 -12.16
C TYR A 154 -1.68 14.13 -13.30
N ASP A 155 -1.53 15.29 -13.94
CA ASP A 155 -0.64 15.44 -15.08
C ASP A 155 0.83 15.30 -14.67
N ARG A 156 1.19 15.92 -13.56
CA ARG A 156 2.56 15.84 -13.05
C ARG A 156 2.95 14.40 -12.75
N ILE A 157 1.98 13.58 -12.37
CA ILE A 157 2.22 12.15 -12.22
C ILE A 157 2.35 11.49 -13.59
N ASN A 158 1.32 11.66 -14.42
CA ASN A 158 1.26 10.97 -15.71
C ASN A 158 2.35 11.42 -16.68
N ALA A 159 3.02 12.51 -16.35
CA ALA A 159 4.18 12.97 -17.12
C ALA A 159 5.34 11.99 -16.98
N LEU A 160 5.31 11.18 -15.93
CA LEU A 160 6.37 10.19 -15.72
C LEU A 160 6.40 9.18 -16.87
N LYS A 161 5.27 9.02 -17.57
CA LYS A 161 5.19 8.09 -18.69
C LYS A 161 5.94 8.58 -19.93
N LYS A 162 6.34 9.86 -19.93
CA LYS A 162 7.15 10.39 -21.03
C LYS A 162 8.56 9.83 -20.96
N ALA A 163 9.11 9.74 -19.74
CA ALA A 163 10.44 9.20 -19.53
C ALA A 163 10.44 7.67 -19.61
N ASN A 164 9.30 7.09 -19.25
CA ASN A 164 9.16 5.64 -19.20
C ASN A 164 7.80 5.22 -19.76
N PRO A 165 7.73 4.98 -21.07
CA PRO A 165 6.49 4.65 -21.77
C PRO A 165 5.84 3.37 -21.27
N LYS A 166 6.64 2.44 -20.74
CA LYS A 166 6.12 1.15 -20.30
C LYS A 166 5.41 1.25 -18.96
N LEU A 167 5.53 2.39 -18.31
CA LEU A 167 4.89 2.63 -17.02
C LEU A 167 3.37 2.67 -17.14
N LYS A 168 2.67 2.11 -16.16
CA LYS A 168 1.23 2.17 -16.12
C LYS A 168 0.76 2.96 -14.88
N THR A 169 -0.24 3.81 -15.07
CA THR A 169 -0.82 4.57 -13.96
C THR A 169 -2.29 4.23 -13.78
N LEU A 170 -2.73 4.13 -12.54
CA LEU A 170 -4.14 3.94 -12.26
C LEU A 170 -4.61 5.03 -11.30
N LEU A 171 -5.91 5.28 -11.27
CA LEU A 171 -6.50 6.16 -10.27
C LEU A 171 -7.27 5.32 -9.27
N ALA A 172 -6.92 5.46 -7.99
CA ALA A 172 -7.57 4.69 -6.93
C ALA A 172 -8.69 5.50 -6.29
N ILE A 173 -9.83 4.87 -6.06
CA ILE A 173 -10.92 5.55 -5.38
C ILE A 173 -11.25 4.86 -4.07
N GLY A 174 -11.36 5.65 -3.01
CA GLY A 174 -11.73 5.14 -1.71
C GLY A 174 -10.67 5.37 -0.65
N GLY A 175 -10.22 4.28 -0.04
CA GLY A 175 -9.32 4.37 1.10
C GLY A 175 -10.13 4.43 2.37
N TRP A 176 -9.44 4.54 3.51
CA TRP A 176 -10.06 4.54 4.82
C TRP A 176 -10.99 5.75 5.05
N SER A 177 -10.45 6.95 4.88
CA SER A 177 -11.18 8.19 5.18
C SER A 177 -12.44 8.35 4.34
N PHE A 178 -12.56 7.54 3.29
CA PHE A 178 -13.68 7.64 2.36
C PHE A 178 -14.96 7.07 2.94
N GLY A 179 -14.82 6.16 3.91
CA GLY A 179 -15.97 5.51 4.50
C GLY A 179 -16.53 4.45 3.58
N THR A 180 -17.70 3.93 3.93
CA THR A 180 -18.32 2.86 3.16
C THR A 180 -19.63 3.29 2.54
N GLN A 181 -20.33 4.20 3.22
CA GLN A 181 -21.70 4.56 2.87
C GLN A 181 -21.86 4.92 1.41
N LYS A 182 -20.92 5.71 0.88
CA LYS A 182 -20.97 6.12 -0.51
C LYS A 182 -20.81 4.92 -1.44
N PHE A 183 -19.93 4.00 -1.09
CA PHE A 183 -19.72 2.79 -1.88
C PHE A 183 -20.97 1.91 -1.89
N LYS A 184 -21.56 1.69 -0.72
CA LYS A 184 -22.80 0.93 -0.62
C LYS A 184 -23.86 1.50 -1.56
N GLU A 185 -24.03 2.80 -1.52
CA GLU A 185 -25.06 3.47 -2.32
C GLU A 185 -24.79 3.43 -3.82
N MET A 186 -23.52 3.42 -4.19
CA MET A 186 -23.14 3.40 -5.60
C MET A 186 -23.35 2.02 -6.22
N SER A 187 -23.14 0.99 -5.40
CA SER A 187 -23.20 -0.39 -5.86
C SER A 187 -24.57 -1.00 -5.66
N ALA A 188 -25.47 -0.23 -5.07
CA ALA A 188 -26.77 -0.74 -4.63
C ALA A 188 -27.63 -1.21 -5.80
N THR A 189 -27.80 -0.33 -6.79
CA THR A 189 -28.62 -0.64 -7.95
C THR A 189 -27.78 -0.66 -9.21
N ARG A 190 -28.29 -1.33 -10.24
CA ARG A 190 -27.62 -1.35 -11.53
C ARG A 190 -27.54 0.06 -12.10
N TYR A 191 -28.59 0.85 -11.92
CA TYR A 191 -28.54 2.22 -12.41
C TYR A 191 -27.46 3.02 -11.68
N ALA A 192 -27.36 2.80 -10.38
CA ALA A 192 -26.34 3.48 -9.58
C ALA A 192 -24.94 3.09 -10.03
N ARG A 193 -24.73 1.81 -10.30
CA ARG A 193 -23.44 1.31 -10.74
C ARG A 193 -23.04 1.86 -12.11
N GLN A 194 -23.90 1.64 -13.11
CA GLN A 194 -23.62 2.08 -14.48
C GLN A 194 -23.38 3.58 -14.54
N THR A 195 -24.12 4.31 -13.71
CA THR A 195 -23.94 5.75 -13.60
C THR A 195 -22.49 6.05 -13.21
N PHE A 196 -21.95 5.29 -12.27
CA PHE A 196 -20.55 5.41 -11.90
C PHE A 196 -19.64 5.00 -13.05
N ILE A 197 -19.88 3.81 -13.57
CA ILE A 197 -19.04 3.23 -14.63
C ILE A 197 -18.86 4.15 -15.81
N TYR A 198 -19.96 4.69 -16.32
CA TYR A 198 -19.90 5.47 -17.55
C TYR A 198 -19.39 6.89 -17.31
N SER A 199 -19.30 7.28 -16.04
CA SER A 199 -18.64 8.51 -15.64
C SER A 199 -17.14 8.30 -15.52
N ALA A 200 -16.78 7.08 -15.12
CA ALA A 200 -15.40 6.72 -14.83
C ALA A 200 -14.54 6.64 -16.09
N ILE A 201 -15.04 5.92 -17.08
CA ILE A 201 -14.29 5.69 -18.32
C ILE A 201 -13.81 7.00 -18.97
N PRO A 202 -14.72 7.99 -19.16
CA PRO A 202 -14.18 9.21 -19.76
C PRO A 202 -13.29 9.99 -18.79
N TYR A 203 -13.61 9.96 -17.51
CA TYR A 203 -12.79 10.63 -16.50
C TYR A 203 -11.35 10.12 -16.57
N LEU A 204 -11.21 8.80 -16.71
CA LEU A 204 -9.90 8.17 -16.74
C LEU A 204 -9.14 8.46 -18.03
N ARG A 205 -9.83 8.36 -19.16
CA ARG A 205 -9.19 8.56 -20.46
C ARG A 205 -8.74 10.02 -20.64
N ASP A 206 -9.63 10.96 -20.32
CA ASP A 206 -9.35 12.39 -20.49
C ASP A 206 -8.15 12.86 -19.66
N ARG A 207 -7.69 12.02 -18.75
CA ARG A 207 -6.62 12.37 -17.84
C ARG A 207 -5.46 11.40 -17.94
N ASN A 208 -5.46 10.63 -19.03
CA ASN A 208 -4.33 9.78 -19.39
C ASN A 208 -4.03 8.73 -18.31
N PHE A 209 -5.08 8.26 -17.62
CA PHE A 209 -4.95 7.15 -16.70
C PHE A 209 -5.14 5.83 -17.45
N ASP A 210 -4.44 4.80 -17.00
CA ASP A 210 -4.45 3.52 -17.69
C ASP A 210 -5.37 2.50 -17.02
N GLY A 211 -5.97 2.89 -15.91
CA GLY A 211 -6.84 1.99 -15.18
C GLY A 211 -7.39 2.53 -13.88
N LEU A 212 -8.10 1.67 -13.16
CA LEU A 212 -8.83 2.07 -11.96
C LEU A 212 -8.66 1.09 -10.81
N ASP A 213 -8.38 1.64 -9.63
CA ASP A 213 -8.19 0.83 -8.43
C ASP A 213 -9.34 1.08 -7.47
N ILE A 214 -10.09 0.04 -7.12
CA ILE A 214 -11.21 0.18 -6.21
C ILE A 214 -10.78 -0.12 -4.77
N ASP A 215 -10.77 0.91 -3.94
CA ASP A 215 -10.39 0.75 -2.54
C ASP A 215 -11.56 1.01 -1.60
N TRP A 216 -12.51 0.09 -1.62
CA TRP A 216 -13.64 0.09 -0.73
C TRP A 216 -13.27 -0.68 0.53
N LEU A 217 -13.24 -0.01 1.66
CA LEU A 217 -12.80 -0.67 2.89
C LEU A 217 -13.87 -0.60 3.98
N TYR A 218 -14.70 -1.64 4.10
CA TYR A 218 -14.73 -2.76 3.17
C TYR A 218 -16.18 -3.10 2.88
N PRO A 219 -16.45 -3.86 1.81
CA PRO A 219 -17.78 -4.46 1.70
C PRO A 219 -18.07 -5.29 2.94
N LYS A 220 -19.31 -5.27 3.41
CA LYS A 220 -19.67 -5.97 4.63
C LYS A 220 -21.13 -6.43 4.61
N GLY A 221 -21.35 -7.71 4.87
CA GLY A 221 -22.69 -8.28 4.82
C GLY A 221 -22.98 -8.89 3.47
N GLY A 222 -24.08 -9.64 3.39
CA GLY A 222 -24.43 -10.37 2.19
C GLY A 222 -24.83 -9.52 1.00
N ASP A 223 -25.35 -8.33 1.26
CA ASP A 223 -25.70 -7.41 0.19
C ASP A 223 -24.45 -6.87 -0.50
N ASP A 224 -23.55 -6.29 0.29
CA ASP A 224 -22.30 -5.73 -0.24
C ASP A 224 -21.50 -6.78 -0.99
N LYS A 225 -21.48 -7.99 -0.45
CA LYS A 225 -20.72 -9.08 -1.05
C LYS A 225 -21.17 -9.33 -2.48
N LYS A 226 -22.48 -9.31 -2.70
CA LYS A 226 -23.04 -9.47 -4.03
C LYS A 226 -22.78 -8.26 -4.92
N ASN A 227 -23.07 -7.07 -4.39
CA ASN A 227 -22.95 -5.83 -5.15
C ASN A 227 -21.50 -5.47 -5.47
N TYR A 228 -20.60 -5.80 -4.55
CA TYR A 228 -19.18 -5.58 -4.80
C TYR A 228 -18.82 -6.33 -6.07
N VAL A 229 -19.17 -7.60 -6.12
CA VAL A 229 -18.94 -8.43 -7.30
C VAL A 229 -19.58 -7.82 -8.54
N LEU A 230 -20.85 -7.43 -8.42
CA LEU A 230 -21.58 -6.82 -9.52
C LEU A 230 -20.87 -5.59 -10.06
N LEU A 231 -20.34 -4.78 -9.16
CA LEU A 231 -19.64 -3.57 -9.56
C LEU A 231 -18.37 -3.91 -10.35
N LEU A 232 -17.61 -4.87 -9.85
CA LEU A 232 -16.39 -5.29 -10.54
C LEU A 232 -16.70 -5.90 -11.90
N LYS A 233 -17.65 -6.81 -11.93
CA LYS A 233 -18.09 -7.44 -13.17
C LYS A 233 -18.48 -6.41 -14.22
N GLU A 234 -19.31 -5.45 -13.83
CA GLU A 234 -19.83 -4.47 -14.76
C GLU A 234 -18.77 -3.45 -15.15
N LEU A 235 -17.84 -3.19 -14.25
CA LEU A 235 -16.65 -2.40 -14.61
C LEU A 235 -15.83 -3.12 -15.67
N ARG A 236 -15.50 -4.37 -15.39
CA ARG A 236 -14.72 -5.19 -16.32
C ARG A 236 -15.39 -5.22 -17.70
N GLU A 237 -16.64 -5.64 -17.76
CA GLU A 237 -17.42 -5.67 -19.00
C GLU A 237 -17.30 -4.40 -19.82
N ALA A 238 -17.58 -3.27 -19.21
CA ALA A 238 -17.57 -1.98 -19.89
C ALA A 238 -16.18 -1.58 -20.35
N PHE A 239 -15.19 -1.81 -19.48
CA PHE A 239 -13.79 -1.54 -19.81
C PHE A 239 -13.40 -2.31 -21.05
N GLU A 240 -13.78 -3.58 -21.06
CA GLU A 240 -13.53 -4.47 -22.18
C GLU A 240 -14.17 -3.95 -23.45
N ALA A 241 -15.48 -3.67 -23.39
CA ALA A 241 -16.20 -3.15 -24.53
C ALA A 241 -15.55 -1.89 -25.08
N GLU A 242 -15.22 -0.95 -24.20
CA GLU A 242 -14.64 0.31 -24.63
C GLU A 242 -13.32 0.13 -25.34
N ALA A 243 -12.50 -0.78 -24.82
CA ALA A 243 -11.18 -1.06 -25.39
C ALA A 243 -11.27 -1.47 -26.85
N GLN A 244 -12.35 -2.17 -27.19
CA GLN A 244 -12.55 -2.68 -28.54
C GLN A 244 -13.13 -1.63 -29.49
N GLU A 245 -13.86 -0.68 -28.93
CA GLU A 245 -14.54 0.33 -29.72
C GLU A 245 -13.61 1.47 -30.09
N VAL A 246 -12.65 1.75 -29.21
CA VAL A 246 -11.76 2.88 -29.37
C VAL A 246 -10.37 2.43 -29.83
N LYS A 247 -10.18 1.11 -29.85
CA LYS A 247 -8.92 0.50 -30.28
C LYS A 247 -7.73 1.10 -29.53
N LYS A 248 -7.79 0.97 -28.21
CA LYS A 248 -6.68 1.29 -27.32
C LYS A 248 -6.53 0.12 -26.37
N PRO A 249 -5.36 -0.03 -25.74
CA PRO A 249 -5.22 -1.03 -24.68
C PRO A 249 -6.25 -0.83 -23.58
N ARG A 250 -6.79 -1.93 -23.08
CA ARG A 250 -7.91 -1.88 -22.14
C ARG A 250 -7.55 -1.26 -20.79
N LEU A 251 -8.49 -0.50 -20.24
CA LEU A 251 -8.33 0.03 -18.90
C LEU A 251 -8.15 -1.10 -17.90
N LEU A 252 -7.17 -0.97 -17.03
CA LEU A 252 -6.95 -1.95 -15.98
C LEU A 252 -7.96 -1.76 -14.87
N LEU A 253 -8.39 -2.87 -14.28
CA LEU A 253 -9.29 -2.82 -13.13
C LEU A 253 -8.68 -3.60 -11.98
N THR A 254 -8.40 -2.91 -10.88
CA THR A 254 -7.80 -3.56 -9.73
C THR A 254 -8.56 -3.20 -8.46
N ALA A 255 -8.16 -3.83 -7.36
CA ALA A 255 -8.73 -3.52 -6.07
C ALA A 255 -7.75 -3.82 -4.95
N ALA A 256 -7.75 -2.96 -3.95
CA ALA A 256 -7.03 -3.23 -2.71
C ALA A 256 -7.96 -3.99 -1.79
N VAL A 257 -7.46 -5.09 -1.23
CA VAL A 257 -8.29 -5.99 -0.44
C VAL A 257 -7.62 -6.28 0.90
N PRO A 258 -8.42 -6.64 1.92
CA PRO A 258 -7.88 -6.75 3.29
C PRO A 258 -7.22 -8.09 3.58
N VAL A 259 -6.66 -8.19 4.79
CA VAL A 259 -6.02 -9.41 5.25
C VAL A 259 -6.70 -10.00 6.49
N GLY A 260 -7.61 -9.24 7.09
CA GLY A 260 -8.36 -9.72 8.23
C GLY A 260 -9.37 -10.77 7.81
N PRO A 261 -9.19 -12.02 8.26
CA PRO A 261 -10.03 -13.17 7.89
C PRO A 261 -11.52 -12.91 8.08
N ASP A 262 -11.85 -12.29 9.20
CA ASP A 262 -13.22 -11.82 9.46
C ASP A 262 -13.70 -10.97 8.29
N ASN A 263 -12.97 -9.88 8.02
CA ASN A 263 -13.27 -8.96 6.92
C ASN A 263 -13.51 -9.67 5.59
N ILE A 264 -12.58 -10.55 5.22
CA ILE A 264 -12.67 -11.30 3.97
C ILE A 264 -13.96 -12.10 3.85
N LYS A 265 -14.17 -13.02 4.78
CA LYS A 265 -15.35 -13.89 4.78
C LYS A 265 -16.64 -13.11 4.59
N SER A 266 -16.69 -11.92 5.19
CA SER A 266 -17.93 -11.15 5.27
C SER A 266 -18.21 -10.27 4.06
N GLY A 267 -17.19 -9.93 3.30
CA GLY A 267 -17.38 -8.99 2.20
C GLY A 267 -17.00 -9.46 0.82
N TYR A 268 -16.20 -10.51 0.73
CA TYR A 268 -15.54 -10.83 -0.53
C TYR A 268 -15.83 -12.23 -1.09
N ASP A 269 -16.57 -12.26 -2.19
CA ASP A 269 -16.73 -13.48 -2.99
C ASP A 269 -15.45 -13.67 -3.79
N VAL A 270 -14.41 -14.16 -3.10
CA VAL A 270 -13.06 -14.18 -3.65
C VAL A 270 -12.95 -14.76 -5.07
N PRO A 271 -13.48 -15.98 -5.32
CA PRO A 271 -13.33 -16.56 -6.67
C PRO A 271 -13.79 -15.61 -7.79
N ALA A 272 -14.92 -14.94 -7.58
CA ALA A 272 -15.48 -14.06 -8.59
C ALA A 272 -14.79 -12.70 -8.60
N VAL A 273 -14.50 -12.18 -7.42
CA VAL A 273 -13.83 -10.88 -7.29
C VAL A 273 -12.53 -10.90 -8.08
N ALA A 274 -11.80 -12.00 -7.97
CA ALA A 274 -10.51 -12.16 -8.64
C ALA A 274 -10.63 -12.35 -10.15
N SER A 275 -11.73 -12.99 -10.58
CA SER A 275 -11.90 -13.27 -12.00
C SER A 275 -12.06 -11.98 -12.82
N TYR A 276 -12.57 -10.93 -12.18
CA TYR A 276 -12.86 -9.68 -12.88
C TYR A 276 -11.73 -8.66 -12.75
N LEU A 277 -10.96 -8.74 -11.67
CA LEU A 277 -9.83 -7.84 -11.49
C LEU A 277 -8.68 -8.29 -12.39
N ASP A 278 -7.83 -7.36 -12.80
CA ASP A 278 -6.65 -7.71 -13.55
C ASP A 278 -5.56 -8.17 -12.58
N PHE A 279 -5.42 -7.46 -11.47
CA PHE A 279 -4.69 -7.99 -10.34
C PHE A 279 -5.21 -7.44 -9.01
N ILE A 280 -4.70 -8.01 -7.93
CA ILE A 280 -5.23 -7.79 -6.59
C ILE A 280 -4.17 -7.20 -5.66
N ASN A 281 -4.41 -5.98 -5.18
CA ASN A 281 -3.52 -5.38 -4.19
C ASN A 281 -3.82 -5.87 -2.79
N LEU A 282 -3.03 -6.84 -2.33
CA LEU A 282 -3.22 -7.36 -1.00
C LEU A 282 -2.60 -6.43 0.05
N MET A 283 -3.45 -5.84 0.88
CA MET A 283 -2.98 -4.91 1.90
C MET A 283 -2.41 -5.63 3.10
N ALA A 284 -1.28 -6.29 2.89
CA ALA A 284 -0.61 -7.05 3.93
C ALA A 284 0.11 -6.12 4.90
N TYR A 285 -0.67 -5.28 5.59
CA TYR A 285 -0.15 -4.44 6.66
C TYR A 285 -1.28 -4.04 7.60
N ASP A 286 -0.94 -3.29 8.65
CA ASP A 286 -1.89 -2.92 9.69
C ASP A 286 -2.52 -4.15 10.33
N PHE A 287 -1.70 -5.18 10.54
CA PHE A 287 -2.11 -6.37 11.29
C PHE A 287 -2.27 -6.03 12.76
N HIS A 288 -1.51 -5.02 13.20
CA HIS A 288 -1.42 -4.64 14.60
C HIS A 288 -1.23 -3.13 14.73
N GLY A 289 -1.79 -2.54 15.78
CA GLY A 289 -1.68 -1.11 15.96
C GLY A 289 -2.24 -0.61 17.29
N LYS A 290 -2.34 0.71 17.40
CA LYS A 290 -2.76 1.34 18.64
C LYS A 290 -4.21 1.05 19.01
N TRP A 291 -4.87 0.20 18.22
CA TRP A 291 -6.20 -0.27 18.58
C TRP A 291 -6.09 -1.49 19.50
N GLU A 292 -4.86 -1.85 19.85
CA GLU A 292 -4.59 -3.01 20.71
C GLU A 292 -3.84 -2.64 21.98
N ARG A 293 -4.14 -3.34 23.07
CA ARG A 293 -3.52 -3.08 24.36
C ARG A 293 -2.10 -3.67 24.43
N GLU A 294 -1.79 -4.53 23.46
CA GLU A 294 -0.47 -5.15 23.34
C GLU A 294 0.38 -4.45 22.27
N THR A 295 1.68 -4.70 22.25
CA THR A 295 2.48 -4.31 21.08
C THR A 295 2.42 -5.42 20.05
N GLY A 296 2.36 -5.05 18.78
CA GLY A 296 2.35 -6.01 17.69
C GLY A 296 3.01 -5.39 16.48
N HIS A 297 3.49 -6.21 15.56
CA HIS A 297 4.18 -5.66 14.41
C HIS A 297 3.19 -5.27 13.32
N ASN A 298 3.52 -4.17 12.64
CA ASN A 298 2.67 -3.63 11.57
C ASN A 298 2.36 -4.69 10.50
N ALA A 299 3.33 -5.55 10.24
CA ALA A 299 3.22 -6.52 9.17
C ALA A 299 4.24 -7.65 9.31
N PRO A 300 4.01 -8.57 10.25
CA PRO A 300 4.95 -9.68 10.34
C PRO A 300 4.74 -10.66 9.19
N LEU A 301 5.81 -11.29 8.73
CA LEU A 301 5.69 -12.30 7.69
C LEU A 301 5.10 -13.57 8.28
N TYR A 302 5.53 -13.88 9.50
CA TYR A 302 5.02 -15.03 10.25
C TYR A 302 4.63 -14.58 11.64
N ALA A 303 3.54 -15.12 12.19
CA ALA A 303 3.11 -14.73 13.52
C ALA A 303 4.05 -15.30 14.58
N PRO A 304 4.28 -14.54 15.66
CA PRO A 304 5.20 -15.00 16.72
C PRO A 304 4.72 -16.25 17.44
N SER A 305 5.56 -16.79 18.32
CA SER A 305 5.17 -17.90 19.18
C SER A 305 4.39 -17.35 20.36
N SER A 306 4.71 -16.10 20.70
CA SER A 306 4.05 -15.37 21.78
C SER A 306 2.56 -15.29 21.52
N ASP A 307 2.18 -15.23 20.26
CA ASP A 307 0.80 -15.10 19.84
C ASP A 307 -0.11 -16.30 20.04
N SER A 308 -1.39 -16.00 20.22
CA SER A 308 -2.45 -16.99 20.34
C SER A 308 -2.72 -17.64 19.00
N GLU A 309 -3.29 -18.84 19.03
CA GLU A 309 -3.54 -19.58 17.81
C GLU A 309 -4.50 -18.87 16.87
N TRP A 310 -5.58 -18.31 17.40
CA TRP A 310 -6.46 -17.52 16.57
C TRP A 310 -5.62 -16.37 16.09
N ARG A 311 -4.78 -15.88 16.99
CA ARG A 311 -3.96 -14.75 16.69
C ARG A 311 -3.06 -15.10 15.56
N LYS A 312 -2.62 -16.34 15.54
CA LYS A 312 -1.57 -16.76 14.63
C LYS A 312 -1.96 -16.51 13.20
N GLN A 313 -3.23 -16.24 12.99
CA GLN A 313 -3.75 -15.96 11.67
C GLN A 313 -3.26 -14.66 11.09
N LEU A 314 -2.68 -13.83 11.93
CA LEU A 314 -2.26 -12.48 11.55
C LEU A 314 -0.80 -12.46 11.11
N SER A 315 -0.59 -12.80 9.85
CA SER A 315 0.73 -12.76 9.26
C SER A 315 0.59 -12.61 7.76
N VAL A 316 1.54 -11.92 7.14
CA VAL A 316 1.53 -11.75 5.69
C VAL A 316 1.46 -13.11 5.00
N ASP A 317 2.12 -14.12 5.57
CA ASP A 317 2.11 -15.45 4.97
C ASP A 317 0.75 -16.14 5.01
N HIS A 318 0.08 -16.09 6.15
CA HIS A 318 -1.21 -16.76 6.30
C HIS A 318 -2.25 -16.09 5.40
N ALA A 319 -2.26 -14.76 5.45
CA ALA A 319 -3.24 -13.95 4.72
C ALA A 319 -3.19 -14.19 3.22
N ALA A 320 -1.97 -14.13 2.68
CA ALA A 320 -1.75 -14.35 1.25
C ALA A 320 -2.19 -15.74 0.82
N HIS A 321 -1.74 -16.76 1.55
CA HIS A 321 -2.11 -18.13 1.23
C HIS A 321 -3.61 -18.35 1.42
N LEU A 322 -4.22 -17.51 2.25
CA LEU A 322 -5.66 -17.59 2.50
C LEU A 322 -6.46 -17.10 1.29
N TRP A 323 -5.90 -16.14 0.55
CA TRP A 323 -6.56 -15.67 -0.66
C TRP A 323 -6.43 -16.68 -1.80
N VAL A 324 -5.30 -17.38 -1.85
CA VAL A 324 -5.13 -18.45 -2.82
C VAL A 324 -6.11 -19.58 -2.52
N LYS A 325 -6.29 -19.86 -1.22
CA LYS A 325 -7.17 -20.93 -0.77
C LYS A 325 -8.63 -20.66 -1.12
N LEU A 326 -9.01 -19.40 -1.16
CA LEU A 326 -10.40 -19.01 -1.39
C LEU A 326 -10.75 -18.90 -2.87
N GLY A 327 -9.75 -18.87 -3.74
CA GLY A 327 -9.99 -18.87 -5.17
C GLY A 327 -9.17 -17.90 -6.00
N ALA A 328 -8.30 -17.12 -5.35
CA ALA A 328 -7.46 -16.18 -6.08
C ALA A 328 -6.31 -16.89 -6.79
N PRO A 329 -6.07 -16.53 -8.04
CA PRO A 329 -4.87 -16.92 -8.80
C PRO A 329 -3.61 -16.31 -8.20
N LYS A 330 -2.57 -17.12 -8.02
CA LYS A 330 -1.32 -16.67 -7.41
C LYS A 330 -0.76 -15.41 -8.07
N GLU A 331 -0.84 -15.38 -9.40
CA GLU A 331 -0.20 -14.34 -10.19
C GLU A 331 -0.94 -13.00 -10.15
N LYS A 332 -2.18 -13.01 -9.67
CA LYS A 332 -2.95 -11.78 -9.55
C LYS A 332 -2.74 -11.13 -8.18
N LEU A 333 -2.14 -11.87 -7.26
CA LEU A 333 -1.85 -11.35 -5.93
C LEU A 333 -0.60 -10.51 -5.88
N ILE A 334 -0.78 -9.21 -5.71
CA ILE A 334 0.33 -8.31 -5.49
C ILE A 334 0.37 -8.00 -4.00
N ILE A 335 1.41 -8.47 -3.33
CA ILE A 335 1.44 -8.40 -1.88
C ILE A 335 1.93 -7.04 -1.40
N GLY A 336 1.18 -6.45 -0.48
CA GLY A 336 1.51 -5.13 0.04
C GLY A 336 2.76 -5.11 0.89
N MET A 337 3.48 -3.99 0.79
CA MET A 337 4.67 -3.74 1.60
C MET A 337 4.61 -2.32 2.14
N PRO A 338 4.71 -2.17 3.46
CA PRO A 338 4.64 -0.85 4.12
C PRO A 338 5.97 -0.10 4.21
N THR A 339 6.00 1.13 3.74
CA THR A 339 7.11 2.04 4.02
C THR A 339 6.77 2.86 5.26
N TYR A 340 5.95 2.30 6.14
CA TYR A 340 5.59 2.96 7.39
C TYR A 340 5.57 1.95 8.52
N GLY A 341 5.58 2.45 9.75
CA GLY A 341 5.52 1.59 10.91
C GLY A 341 4.44 2.00 11.88
N ARG A 342 3.88 1.02 12.59
CA ARG A 342 2.86 1.32 13.60
C ARG A 342 3.50 1.42 14.98
N THR A 343 3.20 2.49 15.69
CA THR A 343 3.88 2.79 16.95
C THR A 343 3.03 2.54 18.18
N PHE A 344 3.72 2.41 19.31
CA PHE A 344 3.09 2.19 20.61
C PHE A 344 3.82 3.01 21.67
N THR A 345 3.14 3.26 22.78
CA THR A 345 3.83 3.75 23.97
C THR A 345 3.84 2.65 25.01
N LEU A 346 5.04 2.27 25.45
CA LEU A 346 5.20 1.22 26.44
C LEU A 346 4.69 1.66 27.80
N SER A 347 3.82 0.86 28.41
CA SER A 347 3.35 1.10 29.77
C SER A 347 4.55 1.17 30.70
N ASN A 348 5.54 0.36 30.36
CA ASN A 348 6.77 0.23 31.13
C ASN A 348 7.93 0.01 30.16
N PRO A 349 8.84 0.98 30.03
CA PRO A 349 9.89 0.90 29.01
C PRO A 349 10.87 -0.24 29.24
N ASN A 350 10.77 -0.92 30.37
CA ASN A 350 11.63 -2.07 30.64
C ASN A 350 11.14 -3.33 29.93
N ASN A 351 9.83 -3.38 29.64
CA ASN A 351 9.27 -4.47 28.85
C ASN A 351 9.00 -4.01 27.43
N PHE A 352 9.97 -4.24 26.55
CA PHE A 352 9.95 -3.71 25.19
C PHE A 352 9.83 -4.82 24.15
N LYS A 353 9.62 -6.05 24.60
CA LYS A 353 9.46 -7.18 23.69
C LYS A 353 8.07 -7.12 23.06
N VAL A 354 7.94 -7.66 21.85
CA VAL A 354 6.65 -7.76 21.18
C VAL A 354 5.61 -8.41 22.13
N ASN A 355 4.37 -7.95 22.03
CA ASN A 355 3.28 -8.34 22.94
C ASN A 355 3.55 -7.92 24.39
N SER A 356 4.32 -6.86 24.56
CA SER A 356 4.43 -6.16 25.84
C SER A 356 3.21 -5.26 25.99
N PRO A 357 2.88 -4.90 27.24
CA PRO A 357 1.74 -3.99 27.39
C PRO A 357 2.07 -2.58 26.94
N ALA A 358 1.09 -1.93 26.31
CA ALA A 358 1.25 -0.57 25.83
C ALA A 358 0.11 0.31 26.37
N SER A 359 0.39 1.59 26.60
CA SER A 359 -0.59 2.48 27.20
C SER A 359 -1.29 3.34 26.15
N GLY A 360 -1.11 2.98 24.88
CA GLY A 360 -1.70 3.74 23.78
C GLY A 360 -0.73 3.86 22.62
N GLY A 361 -1.08 4.68 21.64
CA GLY A 361 -0.26 4.87 20.46
C GLY A 361 1.04 5.62 20.75
N GLY A 362 2.00 5.50 19.85
CA GLY A 362 3.26 6.21 19.97
C GLY A 362 3.14 7.65 19.54
N LYS A 363 4.17 8.43 19.82
CA LYS A 363 4.14 9.86 19.53
C LYS A 363 4.13 10.12 18.02
N ALA A 364 3.49 11.21 17.63
CA ALA A 364 3.40 11.56 16.21
C ALA A 364 4.77 11.87 15.63
N GLY A 365 4.98 11.53 14.36
CA GLY A 365 6.19 11.90 13.67
C GLY A 365 6.19 13.38 13.44
N GLU A 366 7.34 13.97 13.15
CA GLU A 366 7.39 15.41 12.96
C GLU A 366 6.80 15.81 11.61
N TYR A 367 6.80 14.89 10.65
CA TYR A 367 6.34 15.22 9.30
C TYR A 367 5.00 14.57 8.98
N THR A 368 4.79 13.36 9.47
CA THR A 368 3.57 12.65 9.20
C THR A 368 2.44 13.21 10.06
N LYS A 369 2.81 13.60 11.28
CA LYS A 369 1.91 14.28 12.21
C LYS A 369 0.66 13.48 12.53
N GLU A 370 0.82 12.20 12.80
CA GLU A 370 -0.30 11.40 13.27
C GLU A 370 0.19 10.31 14.19
N SER A 371 -0.38 10.30 15.39
CA SER A 371 0.01 9.37 16.39
C SER A 371 -0.39 8.02 15.96
N GLY A 372 0.44 7.05 16.23
CA GLY A 372 0.25 5.70 15.79
C GLY A 372 1.01 5.22 14.60
N PHE A 373 1.76 6.08 13.93
CA PHE A 373 2.60 5.61 12.84
C PHE A 373 3.72 6.54 12.45
N LEU A 374 4.72 6.01 11.78
CA LEU A 374 5.83 6.80 11.30
C LEU A 374 6.28 6.38 9.93
N ALA A 375 6.76 7.31 9.15
CA ALA A 375 7.33 7.00 7.87
C ALA A 375 8.67 6.38 8.03
N TYR A 376 9.03 5.49 7.14
CA TYR A 376 10.27 4.75 7.29
C TYR A 376 11.44 5.70 7.52
N TYR A 377 11.46 6.82 6.80
CA TYR A 377 12.53 7.79 6.99
C TYR A 377 12.48 8.43 8.37
N GLU A 378 11.29 8.45 8.97
CA GLU A 378 11.13 8.96 10.32
C GLU A 378 11.66 7.95 11.35
N VAL A 379 11.70 6.68 10.99
CA VAL A 379 12.21 5.66 11.88
C VAL A 379 13.74 5.64 11.77
N CYS A 380 14.24 5.93 10.57
CA CYS A 380 15.67 6.07 10.37
C CYS A 380 16.26 7.12 11.31
N GLU A 381 15.55 8.22 11.51
CA GLU A 381 16.03 9.27 12.39
C GLU A 381 16.15 8.78 13.83
N ILE A 382 15.16 8.02 14.28
CA ILE A 382 15.17 7.40 15.61
C ILE A 382 16.38 6.50 15.81
N LEU A 383 16.67 5.68 14.80
CA LEU A 383 17.79 4.76 14.87
C LEU A 383 19.11 5.52 14.89
N ARG A 384 19.19 6.59 14.11
CA ARG A 384 20.41 7.39 14.02
C ARG A 384 20.52 8.42 15.14
N ASN A 385 19.65 8.29 16.14
CA ASN A 385 19.70 9.17 17.31
C ASN A 385 19.42 8.44 18.62
N GLY A 386 20.08 7.30 18.81
CA GLY A 386 20.03 6.60 20.08
C GLY A 386 18.97 5.52 20.23
N GLY A 387 18.14 5.35 19.21
CA GLY A 387 17.16 4.28 19.23
C GLY A 387 17.87 2.93 19.19
N ALA A 388 17.24 1.93 19.80
CA ALA A 388 17.76 0.57 19.76
C ALA A 388 17.01 -0.22 18.70
N TYR A 389 17.70 -1.16 18.07
CA TYR A 389 17.13 -1.93 16.97
C TYR A 389 17.02 -3.40 17.35
N VAL A 390 15.93 -4.04 16.97
CA VAL A 390 15.71 -5.44 17.29
C VAL A 390 15.20 -6.22 16.09
N TRP A 391 15.89 -7.28 15.73
CA TRP A 391 15.40 -8.17 14.69
C TRP A 391 14.69 -9.37 15.32
N ASP A 392 13.45 -9.61 14.91
CA ASP A 392 12.70 -10.75 15.38
C ASP A 392 12.78 -11.86 14.34
N ASP A 393 13.64 -12.85 14.60
CA ASP A 393 13.90 -13.92 13.63
C ASP A 393 12.71 -14.86 13.47
N GLU A 394 11.69 -14.68 14.31
CA GLU A 394 10.45 -15.44 14.20
C GLU A 394 9.52 -14.84 13.17
N MET A 395 9.35 -13.52 13.27
CA MET A 395 8.45 -12.80 12.38
C MET A 395 9.19 -12.31 11.14
N LYS A 396 10.50 -12.54 11.11
CA LYS A 396 11.37 -12.08 10.04
C LYS A 396 11.21 -10.58 9.76
N VAL A 397 10.97 -9.81 10.82
CA VAL A 397 10.82 -8.36 10.74
C VAL A 397 11.42 -7.70 11.98
N PRO A 398 11.78 -6.41 11.89
CA PRO A 398 12.35 -5.72 13.04
C PRO A 398 11.40 -4.77 13.74
N TYR A 399 11.75 -4.40 14.98
CA TYR A 399 11.14 -3.25 15.64
C TYR A 399 12.23 -2.44 16.33
N ALA A 400 11.92 -1.18 16.65
CA ALA A 400 12.88 -0.31 17.32
C ALA A 400 12.30 0.33 18.56
N ILE A 401 13.18 0.70 19.49
CA ILE A 401 12.77 1.33 20.75
C ILE A 401 13.61 2.56 21.08
N HIS A 402 12.93 3.61 21.53
CA HIS A 402 13.58 4.81 22.06
C HIS A 402 12.78 5.29 23.26
N GLY A 403 13.27 4.99 24.46
CA GLY A 403 12.53 5.27 25.67
C GLY A 403 11.32 4.37 25.78
N ASP A 404 10.14 4.97 25.93
CA ASP A 404 8.88 4.22 25.99
C ASP A 404 8.21 4.19 24.63
N GLN A 405 8.99 4.49 23.60
CA GLN A 405 8.49 4.50 22.23
C GLN A 405 8.89 3.24 21.50
N TRP A 406 7.91 2.61 20.86
CA TRP A 406 8.07 1.29 20.28
C TRP A 406 7.50 1.28 18.86
N VAL A 407 8.32 0.91 17.88
CA VAL A 407 7.95 0.97 16.47
C VAL A 407 8.15 -0.35 15.76
N GLY A 408 7.11 -0.89 15.13
CA GLY A 408 7.31 -2.05 14.26
C GLY A 408 7.31 -1.60 12.82
N PHE A 409 8.34 -1.96 12.06
CA PHE A 409 8.46 -1.50 10.69
C PHE A 409 9.11 -2.52 9.77
N ASP A 410 9.39 -2.07 8.56
CA ASP A 410 10.14 -2.86 7.60
C ASP A 410 11.35 -2.07 7.12
N ASP A 411 12.51 -2.75 7.11
CA ASP A 411 13.73 -2.19 6.56
C ASP A 411 14.16 -3.06 5.38
N GLU A 412 15.30 -2.73 4.78
CA GLU A 412 15.78 -3.47 3.61
C GLU A 412 15.90 -4.98 3.88
N LYS A 413 16.37 -5.35 5.07
CA LYS A 413 16.50 -6.78 5.43
C LYS A 413 15.15 -7.47 5.46
N SER A 414 14.22 -6.86 6.19
CA SER A 414 12.85 -7.32 6.28
C SER A 414 12.23 -7.49 4.88
N ILE A 415 12.33 -6.44 4.07
CA ILE A 415 11.81 -6.43 2.69
C ILE A 415 12.34 -7.58 1.82
N ARG A 416 13.64 -7.68 1.72
CA ARG A 416 14.27 -8.60 0.80
C ARG A 416 13.83 -9.98 1.11
N ASN A 417 13.76 -10.29 2.38
CA ASN A 417 13.35 -11.59 2.78
C ASN A 417 11.97 -11.81 2.28
N LYS A 418 11.14 -10.79 2.33
CA LYS A 418 9.79 -10.92 1.81
C LYS A 418 9.78 -11.17 0.33
N MET A 419 10.61 -10.46 -0.40
CA MET A 419 10.60 -10.58 -1.86
C MET A 419 10.96 -11.98 -2.29
N ARG A 420 11.87 -12.57 -1.57
CA ARG A 420 12.23 -13.94 -1.80
C ARG A 420 11.04 -14.78 -1.54
N TRP A 421 10.26 -14.44 -0.54
CA TRP A 421 9.09 -15.20 -0.18
C TRP A 421 8.09 -15.16 -1.32
N ILE A 422 7.96 -14.00 -1.93
CA ILE A 422 7.06 -13.84 -3.05
C ILE A 422 7.52 -14.71 -4.15
N LYS A 423 8.81 -14.70 -4.41
CA LYS A 423 9.34 -15.47 -5.51
C LYS A 423 9.05 -16.90 -5.25
N ASP A 424 9.25 -17.29 -4.02
CA ASP A 424 9.12 -18.66 -3.63
C ASP A 424 7.70 -19.15 -3.80
N ASN A 425 6.72 -18.33 -3.46
CA ASN A 425 5.34 -18.77 -3.56
C ASN A 425 4.72 -18.39 -4.86
N SER A 426 5.52 -17.78 -5.70
CA SER A 426 5.11 -17.46 -7.08
C SER A 426 3.99 -16.42 -7.18
N PHE A 427 4.07 -15.35 -6.39
CA PHE A 427 3.04 -14.31 -6.41
C PHE A 427 3.29 -13.27 -7.49
N GLY A 428 2.34 -12.36 -7.65
CA GLY A 428 2.33 -11.43 -8.76
C GLY A 428 3.40 -10.35 -8.71
N GLY A 429 3.83 -10.00 -7.50
CA GLY A 429 4.79 -8.93 -7.33
C GLY A 429 4.54 -8.22 -6.02
N ALA A 430 4.96 -6.96 -5.92
CA ALA A 430 4.81 -6.22 -4.68
C ALA A 430 4.01 -4.93 -4.86
N MET A 431 3.15 -4.65 -3.88
CA MET A 431 2.46 -3.37 -3.80
C MET A 431 3.12 -2.57 -2.68
N VAL A 432 3.12 -1.25 -2.79
CA VAL A 432 3.87 -0.43 -1.84
C VAL A 432 3.11 0.78 -1.32
N TRP A 433 2.69 0.69 -0.06
CA TRP A 433 2.09 1.83 0.62
C TRP A 433 3.05 2.43 1.65
N THR A 434 3.68 3.57 1.36
CA THR A 434 3.53 4.33 0.12
C THR A 434 4.89 4.58 -0.51
N VAL A 435 4.89 5.17 -1.70
CA VAL A 435 6.14 5.55 -2.35
C VAL A 435 6.72 6.80 -1.66
N ASP A 436 5.86 7.56 -0.99
CA ASP A 436 6.23 8.85 -0.43
C ASP A 436 6.72 8.77 1.02
N MET A 437 6.80 7.56 1.57
CA MET A 437 7.25 7.38 2.95
C MET A 437 8.47 6.46 3.02
N ASP A 438 9.16 6.35 1.88
CA ASP A 438 10.44 5.68 1.76
C ASP A 438 11.49 6.79 1.76
N ASP A 439 12.74 6.50 2.11
CA ASP A 439 13.79 7.52 2.01
C ASP A 439 13.98 7.87 0.54
N PHE A 440 13.09 8.69 0.00
CA PHE A 440 13.09 8.98 -1.43
C PHE A 440 14.22 9.95 -1.81
N SER A 441 14.70 10.68 -0.81
CA SER A 441 15.71 11.72 -1.02
C SER A 441 17.13 11.15 -0.97
N GLY A 442 17.33 10.14 -0.13
CA GLY A 442 18.60 9.45 -0.05
C GLY A 442 19.49 9.90 1.10
N GLY A 443 19.13 11.00 1.74
CA GLY A 443 19.99 11.60 2.74
C GLY A 443 19.58 11.39 4.19
N VAL A 444 18.52 10.61 4.41
CA VAL A 444 18.00 10.45 5.76
C VAL A 444 18.51 9.19 6.45
N CYS A 445 18.19 8.02 5.90
CA CYS A 445 18.57 6.77 6.54
C CYS A 445 20.09 6.58 6.57
N GLY A 446 20.76 7.09 5.54
CA GLY A 446 22.21 7.22 5.60
C GLY A 446 23.04 6.33 4.69
N GLY A 447 22.38 5.55 3.84
CA GLY A 447 23.08 4.72 2.88
C GLY A 447 23.41 5.45 1.60
N ASN A 448 22.98 6.71 1.51
CA ASN A 448 23.05 7.51 0.29
C ASN A 448 22.47 6.78 -0.91
N VAL A 449 21.32 6.14 -0.72
CA VAL A 449 20.61 5.51 -1.81
C VAL A 449 19.15 5.94 -1.79
N LYS A 450 18.71 6.53 -2.90
CA LYS A 450 17.32 6.95 -3.01
C LYS A 450 16.44 5.72 -3.12
N TYR A 451 15.32 5.74 -2.40
CA TYR A 451 14.40 4.61 -2.34
C TYR A 451 15.08 3.32 -1.96
N PRO A 452 15.65 3.26 -0.74
CA PRO A 452 16.32 2.02 -0.30
C PRO A 452 15.39 0.81 -0.34
N LEU A 453 14.12 1.03 -0.01
CA LEU A 453 13.16 -0.06 0.16
C LEU A 453 12.58 -0.57 -1.14
N ILE A 454 11.79 0.28 -1.80
CA ILE A 454 11.22 -0.04 -3.09
C ILE A 454 12.33 -0.34 -4.09
N GLY A 455 13.46 0.35 -3.95
CA GLY A 455 14.62 0.08 -4.76
C GLY A 455 15.11 -1.35 -4.56
N ALA A 456 15.02 -1.84 -3.33
CA ALA A 456 15.41 -3.21 -3.01
C ALA A 456 14.38 -4.21 -3.50
N MET A 457 13.11 -3.80 -3.54
CA MET A 457 12.07 -4.66 -4.07
C MET A 457 12.29 -4.89 -5.56
N ARG A 458 12.60 -3.80 -6.27
CA ARG A 458 12.83 -3.87 -7.70
C ARG A 458 14.11 -4.66 -8.01
N GLU A 459 15.07 -4.57 -7.10
CA GLU A 459 16.31 -5.33 -7.26
C GLU A 459 15.98 -6.82 -7.21
N GLU A 460 15.47 -7.28 -6.07
CA GLU A 460 15.15 -8.69 -5.87
C GLU A 460 14.18 -9.22 -6.93
N LEU A 461 13.08 -8.51 -7.17
CA LEU A 461 12.02 -9.00 -8.05
C LEU A 461 12.29 -8.84 -9.54
N ARG A 462 13.00 -7.79 -9.93
CA ARG A 462 13.20 -7.51 -11.35
C ARG A 462 14.66 -7.30 -11.73
N GLY A 463 15.55 -7.64 -10.80
CA GLY A 463 16.98 -7.63 -11.08
C GLY A 463 17.53 -6.33 -11.65
N ILE A 464 17.21 -5.22 -11.00
CA ILE A 464 17.73 -3.93 -11.43
C ILE A 464 18.42 -3.23 -10.27
N SER A 465 19.75 -3.21 -10.34
CA SER A 465 20.60 -2.72 -9.26
C SER A 465 20.16 -1.35 -8.78
N ARG A 466 20.38 -1.06 -7.51
CA ARG A 466 20.23 0.29 -7.05
C ARG A 466 21.40 1.13 -7.55
N GLY A 467 22.39 0.45 -8.12
CA GLY A 467 23.45 1.08 -8.87
C GLY A 467 24.55 1.58 -8.02
N LYS A 468 25.71 1.78 -8.61
CA LYS A 468 26.85 2.26 -7.86
C LYS A 468 27.10 1.24 -6.75
N ASP A 469 27.47 1.72 -5.58
CA ASP A 469 27.93 0.91 -4.48
C ASP A 469 26.95 0.93 -3.35
N ALA A 470 25.70 1.23 -3.63
CA ALA A 470 24.73 1.35 -2.57
C ALA A 470 24.59 0.04 -1.85
N LYS A 471 24.52 0.08 -0.53
CA LYS A 471 24.39 -1.13 0.25
C LYS A 471 23.39 -0.98 1.39
N ASP A 472 22.74 -2.06 1.76
CA ASP A 472 21.81 -1.98 2.89
C ASP A 472 22.46 -1.36 4.11
N VAL A 473 21.73 -0.51 4.82
CA VAL A 473 22.19 -0.07 6.11
C VAL A 473 22.00 -1.23 7.08
N ASP A 474 23.04 -1.56 7.83
CA ASP A 474 23.02 -2.71 8.73
C ASP A 474 22.64 -2.29 10.14
N TRP A 475 21.37 -2.15 10.40
CA TRP A 475 20.97 -1.41 11.54
C TRP A 475 21.57 -2.03 12.77
N ALA A 476 21.67 -3.34 12.80
CA ALA A 476 22.14 -3.99 13.99
C ALA A 476 23.37 -3.33 14.54
N SER A 477 24.44 -3.31 13.78
CA SER A 477 25.67 -2.76 14.26
C SER A 477 25.53 -1.29 14.54
N VAL A 478 24.79 -0.61 13.67
CA VAL A 478 24.67 0.83 13.72
C VAL A 478 23.98 1.41 14.94
N ALA A 479 23.05 0.70 15.54
CA ALA A 479 22.31 1.25 16.66
C ALA A 479 22.33 0.33 17.85
N ALA A 480 22.03 0.87 19.01
CA ALA A 480 22.20 0.15 20.25
C ALA A 480 21.21 -0.98 20.31
N SER A 481 21.46 -1.96 21.18
CA SER A 481 20.45 -2.99 21.46
C SER A 481 20.01 -2.97 22.91
C1 NAG B . -10.17 -6.30 15.91
C2 NAG B . -10.07 -4.79 15.77
C3 NAG B . -9.78 -4.45 14.32
C4 NAG B . -8.49 -5.12 13.89
C5 NAG B . -8.42 -6.61 14.27
C6 NAG B . -7.01 -7.14 14.24
C7 NAG B . -11.45 -3.83 17.54
C8 NAG B . -12.72 -3.12 17.88
N2 NAG B . -11.26 -4.12 16.24
O1 NAG B . -10.57 -6.64 17.19
O3 NAG B . -9.70 -3.04 14.18
O4 NAG B . -8.37 -5.06 12.47
O5 NAG B . -8.92 -6.87 15.60
O6 NAG B . -6.26 -6.65 15.35
O7 NAG B . -10.63 -4.14 18.39
C1 NAG B . -7.62 -3.92 12.05
C2 NAG B . -7.27 -4.06 10.57
C3 NAG B . -6.62 -2.78 10.04
C4 NAG B . -7.47 -1.56 10.39
C5 NAG B . -7.74 -1.54 11.88
C6 NAG B . -8.64 -0.40 12.30
C7 NAG B . -6.73 -6.47 10.48
C8 NAG B . -5.65 -7.48 10.17
N2 NAG B . -6.37 -5.19 10.33
O3 NAG B . -6.47 -2.90 8.64
O4 NAG B . -6.78 -0.37 10.06
O5 NAG B . -8.40 -2.76 12.25
O6 NAG B . -9.78 -0.87 13.00
O7 NAG B . -7.85 -6.81 10.87
C1 NAG B . -7.09 0.06 8.74
C2 NAG B . -6.41 1.40 8.63
C3 NAG B . -6.47 1.92 7.19
C4 NAG B . -6.07 0.86 6.18
C5 NAG B . -6.81 -0.45 6.45
C6 NAG B . -6.36 -1.61 5.59
C7 NAG B . -6.56 2.67 10.73
C8 NAG B . -7.35 3.68 11.51
N2 NAG B . -7.05 2.35 9.52
O3 NAG B . -5.60 3.03 7.12
O4 NAG B . -6.44 1.33 4.89
O5 NAG B . -6.55 -0.82 7.80
O6 NAG B . -7.24 -2.72 5.71
O7 NAG B . -5.53 2.17 11.17
C1 NAG B . -5.42 1.11 3.88
C2 NAG B . -5.64 2.15 2.76
C3 NAG B . -5.32 3.56 3.24
C4 NAG B . -4.41 3.56 4.46
C5 NAG B . -3.38 2.44 4.42
C6 NAG B . -2.52 2.42 5.66
C7 NAG B . -5.57 1.69 0.38
C8 NAG B . -4.72 1.36 -0.81
N2 NAG B . -4.93 1.83 1.54
O3 NAG B . -6.55 4.21 3.57
O4 NAG B . -3.68 4.77 4.50
O5 NAG B . -4.02 1.16 4.35
O6 NAG B . -3.26 2.78 6.82
O7 NAG B . -6.79 1.80 0.29
C1 NAG B . -4.37 5.76 5.24
C2 NAG B . -3.30 6.70 5.76
C3 NAG B . -3.92 7.88 6.50
C4 NAG B . -4.99 8.54 5.65
C5 NAG B . -6.00 7.49 5.17
C6 NAG B . -7.05 8.04 4.26
C7 NAG B . -1.04 5.99 6.44
C8 NAG B . -0.53 6.78 5.27
N2 NAG B . -2.37 6.00 6.62
O3 NAG B . -2.88 8.78 6.82
O4 NAG B . -5.69 9.56 6.36
O5 NAG B . -5.30 6.48 4.44
O6 NAG B . -7.26 7.22 3.12
O7 NAG B . -0.28 5.38 7.19
C1 NAG B . -4.91 10.76 6.10
C2 NAG B . -5.78 11.91 5.56
C3 NAG B . -4.91 13.16 5.35
C4 NAG B . -4.15 13.48 6.63
C5 NAG B . -3.34 12.27 7.07
C6 NAG B . -2.55 12.50 8.35
C7 NAG B . -7.20 12.27 3.53
C8 NAG B . -7.76 11.60 2.32
N2 NAG B . -6.42 11.50 4.32
O3 NAG B . -5.71 14.27 4.97
O4 NAG B . -3.27 14.58 6.44
O5 NAG B . -4.24 11.17 7.32
O6 NAG B . -3.23 13.35 9.26
O7 NAG B . -7.44 13.44 3.79
#